data_6NM1
#
_entry.id   6NM1
#
_cell.length_a   33.355
_cell.length_b   53.517
_cell.length_c   86.152
_cell.angle_alpha   76.88
_cell.angle_beta   89.36
_cell.angle_gamma   72.27
#
_symmetry.space_group_name_H-M   'P 1'
#
loop_
_entity.id
_entity.type
_entity.pdbx_description
1 polymer 'Fatty acid Kinase (Fak) B1 protein'
2 non-polymer 'MYRISTIC ACID'
3 water water
#
_entity_poly.entity_id   1
_entity_poly.type   'polypeptide(L)'
_entity_poly.pdbx_seq_one_letter_code
;MKIAVMTDSTSYLSQDLIDKYNIQIAPLSVTFDDGKNFTESNEIAIEEFYNKMASSQTIPTTSQPAIGEWITKYEMLRDQ
GYTDIIVICLSSGISGSYQSSYQAGEMVEGVNVHAFDSKLAAMIEGCYVLRAIEMVEEGYEPQQIIDDLTNMREHTGLYL
IVDDLKNLQKSGRITGAQAWVGTLLKMKPVLKFEDGKIIPEEKVRTKKRAIQTLEKKVLDIVKDFEEVTLFVINGDHFED
GQALYKKLQDDCPSAYQVAYSEFGPVVAAHLGSGGLGLGYVGRKIRLT
;
_entity_poly.pdbx_strand_id   A,B
#
# COMPACT_ATOMS: atom_id res chain seq x y z
N MET A 1 37.41 3.87 -4.24
CA MET A 1 36.07 4.20 -4.70
C MET A 1 35.48 3.12 -5.59
N LYS A 2 34.24 2.73 -5.30
CA LYS A 2 33.50 1.76 -6.10
C LYS A 2 32.07 2.25 -6.24
N ILE A 3 31.61 2.39 -7.48
CA ILE A 3 30.30 2.98 -7.77
C ILE A 3 29.38 1.89 -8.31
N ALA A 4 28.18 1.80 -7.74
CA ALA A 4 27.15 0.89 -8.19
C ALA A 4 26.04 1.67 -8.88
N VAL A 5 25.28 0.98 -9.73
CA VAL A 5 24.18 1.56 -10.48
C VAL A 5 22.97 0.66 -10.33
N MET A 6 21.85 1.23 -9.86
CA MET A 6 20.60 0.50 -9.73
C MET A 6 19.47 1.40 -10.22
N THR A 7 18.24 0.89 -10.15
CA THR A 7 17.08 1.59 -10.68
C THR A 7 15.83 0.92 -10.12
N ASP A 8 14.67 1.43 -10.54
CA ASP A 8 13.41 0.77 -10.25
C ASP A 8 13.00 -0.12 -11.41
N SER A 9 11.94 -0.89 -11.20
CA SER A 9 11.55 -1.90 -12.18
C SER A 9 10.87 -1.31 -13.40
N THR A 10 10.55 -0.01 -13.41
CA THR A 10 9.86 0.59 -14.55
C THR A 10 10.79 0.88 -15.73
N SER A 11 12.10 0.76 -15.55
CA SER A 11 13.02 0.89 -16.68
C SER A 11 13.01 -0.34 -17.57
N TYR A 12 12.46 -1.46 -17.09
CA TYR A 12 12.19 -2.64 -17.89
C TYR A 12 13.42 -3.11 -18.66
N LEU A 13 14.54 -3.21 -17.94
CA LEU A 13 15.75 -3.76 -18.54
C LEU A 13 15.58 -5.25 -18.77
N SER A 14 16.29 -5.76 -19.78
CA SER A 14 16.28 -7.19 -20.04
C SER A 14 16.90 -7.93 -18.88
N GLN A 15 16.39 -9.13 -18.61
CA GLN A 15 16.95 -9.97 -17.55
C GLN A 15 18.40 -10.33 -17.82
N ASP A 16 18.83 -10.32 -19.09
CA ASP A 16 20.23 -10.54 -19.41
C ASP A 16 21.09 -9.39 -18.91
N LEU A 17 20.66 -8.16 -19.18
CA LEU A 17 21.42 -7.00 -18.73
C LEU A 17 21.42 -6.89 -17.21
N ILE A 18 20.30 -7.26 -16.57
CA ILE A 18 20.24 -7.23 -15.11
C ILE A 18 21.18 -8.25 -14.50
N ASP A 19 21.18 -9.47 -15.04
CA ASP A 19 22.02 -10.53 -14.48
C ASP A 19 23.49 -10.28 -14.78
N LYS A 20 23.80 -9.76 -15.97
CA LYS A 20 25.20 -9.56 -16.34
C LYS A 20 25.85 -8.48 -15.48
N TYR A 21 25.18 -7.35 -15.31
CA TYR A 21 25.73 -6.24 -14.54
C TYR A 21 25.28 -6.25 -13.08
N ASN A 22 24.55 -7.27 -12.65
CA ASN A 22 24.08 -7.39 -11.26
C ASN A 22 23.30 -6.15 -10.83
N ILE A 23 22.42 -5.68 -11.71
CA ILE A 23 21.65 -4.46 -11.44
C ILE A 23 20.58 -4.76 -10.40
N GLN A 24 20.65 -4.08 -9.27
CA GLN A 24 19.62 -4.20 -8.24
C GLN A 24 18.38 -3.42 -8.67
N ILE A 25 17.21 -3.95 -8.30
CA ILE A 25 15.93 -3.42 -8.77
C ILE A 25 15.03 -3.17 -7.58
N ALA A 26 14.44 -1.96 -7.53
CA ALA A 26 13.42 -1.63 -6.56
C ALA A 26 12.06 -1.75 -7.23
N PRO A 27 11.27 -2.78 -6.95
CA PRO A 27 10.06 -3.03 -7.75
C PRO A 27 8.91 -2.12 -7.37
N LEU A 28 8.13 -1.75 -8.39
CA LEU A 28 6.85 -1.10 -8.19
C LEU A 28 5.74 -2.15 -8.16
N SER A 29 4.63 -1.78 -7.52
CA SER A 29 3.50 -2.69 -7.38
C SER A 29 2.27 -2.09 -8.05
N VAL A 30 1.29 -2.96 -8.30
CA VAL A 30 -0.01 -2.55 -8.83
C VAL A 30 -1.07 -3.44 -8.20
N THR A 31 -2.01 -2.83 -7.47
CA THR A 31 -3.00 -3.56 -6.70
C THR A 31 -4.39 -3.33 -7.29
N PHE A 32 -5.08 -4.42 -7.60
CA PHE A 32 -6.45 -4.34 -8.07
C PHE A 32 -7.42 -4.26 -6.89
N ASP A 33 -8.65 -3.84 -7.18
CA ASP A 33 -9.69 -3.84 -6.17
C ASP A 33 -10.10 -5.24 -5.75
N ASP A 34 -9.70 -6.27 -6.51
CA ASP A 34 -9.95 -7.66 -6.14
C ASP A 34 -9.05 -8.13 -5.00
N GLY A 35 -8.14 -7.28 -4.51
CA GLY A 35 -7.22 -7.66 -3.48
C GLY A 35 -5.92 -8.28 -3.98
N LYS A 36 -5.84 -8.60 -5.27
CA LYS A 36 -4.64 -9.21 -5.82
C LYS A 36 -3.60 -8.14 -6.15
N ASN A 37 -2.34 -8.45 -5.86
CA ASN A 37 -1.23 -7.52 -6.06
C ASN A 37 -0.23 -8.13 -7.04
N PHE A 38 0.25 -7.32 -7.96
CA PHE A 38 1.27 -7.70 -8.92
C PHE A 38 2.53 -6.87 -8.62
N THR A 39 3.51 -7.49 -7.98
CA THR A 39 4.79 -6.85 -7.76
C THR A 39 5.65 -7.02 -9.00
N GLU A 40 6.10 -5.91 -9.58
CA GLU A 40 6.75 -5.95 -10.89
C GLU A 40 8.05 -6.73 -10.83
N SER A 41 8.17 -7.71 -11.73
CA SER A 41 9.38 -8.51 -11.88
C SER A 41 9.30 -9.23 -13.22
N ASN A 42 10.43 -9.79 -13.64
CA ASN A 42 10.48 -10.60 -14.84
C ASN A 42 10.03 -12.03 -14.61
N GLU A 43 9.15 -12.24 -13.62
CA GLU A 43 8.61 -13.56 -13.32
C GLU A 43 7.11 -13.66 -13.56
N ILE A 44 6.40 -12.54 -13.68
CA ILE A 44 4.97 -12.58 -13.93
C ILE A 44 4.70 -12.90 -15.39
N ALA A 45 3.47 -13.33 -15.67
CA ALA A 45 3.00 -13.52 -17.03
C ALA A 45 2.27 -12.26 -17.46
N ILE A 46 2.91 -11.46 -18.32
CA ILE A 46 2.35 -10.17 -18.71
C ILE A 46 1.01 -10.36 -19.42
N GLU A 47 0.84 -11.46 -20.14
CA GLU A 47 -0.43 -11.71 -20.82
C GLU A 47 -1.56 -11.96 -19.83
N GLU A 48 -1.25 -12.58 -18.69
CA GLU A 48 -2.28 -12.80 -17.67
C GLU A 48 -2.62 -11.54 -16.90
N PHE A 49 -1.72 -10.57 -16.82
CA PHE A 49 -2.07 -9.27 -16.26
C PHE A 49 -2.99 -8.50 -17.20
N TYR A 50 -2.73 -8.57 -18.50
CA TYR A 50 -3.61 -7.93 -19.47
C TYR A 50 -5.00 -8.54 -19.42
N ASN A 51 -5.09 -9.86 -19.24
CA ASN A 51 -6.39 -10.49 -19.07
C ASN A 51 -7.05 -10.04 -17.78
N LYS A 52 -6.27 -9.93 -16.71
CA LYS A 52 -6.81 -9.45 -15.43
C LYS A 52 -7.26 -8.00 -15.54
N MET A 53 -6.49 -7.18 -16.27
CA MET A 53 -6.89 -5.79 -16.46
C MET A 53 -8.17 -5.68 -17.27
N ALA A 54 -8.32 -6.53 -18.29
CA ALA A 54 -9.59 -6.58 -19.01
C ALA A 54 -10.68 -7.22 -18.15
N SER A 55 -10.30 -8.11 -17.23
CA SER A 55 -11.29 -8.74 -16.36
C SER A 55 -11.81 -7.75 -15.32
N SER A 56 -10.90 -7.03 -14.67
CA SER A 56 -11.29 -6.13 -13.58
C SER A 56 -12.21 -5.04 -14.08
N GLN A 57 -13.36 -4.88 -13.40
CA GLN A 57 -14.32 -3.85 -13.76
C GLN A 57 -13.78 -2.44 -13.53
N THR A 58 -12.76 -2.29 -12.68
CA THR A 58 -12.14 -1.01 -12.40
C THR A 58 -10.64 -1.10 -12.62
N ILE A 59 -10.04 0.03 -12.94
CA ILE A 59 -8.60 0.08 -13.23
C ILE A 59 -7.84 0.06 -11.91
N PRO A 60 -6.78 -0.74 -11.79
CA PRO A 60 -6.06 -0.83 -10.50
C PRO A 60 -5.28 0.43 -10.16
N THR A 61 -4.65 0.43 -8.99
CA THR A 61 -3.85 1.55 -8.53
C THR A 61 -2.37 1.16 -8.53
N THR A 62 -1.52 2.16 -8.75
CA THR A 62 -0.07 1.95 -8.81
C THR A 62 0.59 2.55 -7.57
N SER A 63 1.72 1.96 -7.17
CA SER A 63 2.44 2.42 -6.00
C SER A 63 3.94 2.32 -6.25
N GLN A 64 4.66 3.36 -5.85
CA GLN A 64 6.11 3.39 -5.95
C GLN A 64 6.73 2.34 -5.02
N PRO A 65 8.00 2.01 -5.22
CA PRO A 65 8.63 1.02 -4.33
C PRO A 65 8.63 1.48 -2.89
N ALA A 66 8.39 0.54 -1.99
CA ALA A 66 8.43 0.84 -0.56
C ALA A 66 9.83 1.31 -0.17
N ILE A 67 9.88 2.19 0.84
CA ILE A 67 11.15 2.73 1.28
C ILE A 67 12.08 1.62 1.75
N GLY A 68 11.53 0.61 2.43
CA GLY A 68 12.33 -0.51 2.87
C GLY A 68 12.97 -1.26 1.72
N GLU A 69 12.32 -1.29 0.55
CA GLU A 69 12.89 -1.94 -0.61
C GLU A 69 14.14 -1.20 -1.10
N TRP A 70 14.12 0.13 -1.03
CA TRP A 70 15.31 0.89 -1.35
C TRP A 70 16.42 0.67 -0.33
N ILE A 71 16.04 0.57 0.95
CA ILE A 71 17.03 0.52 2.03
C ILE A 71 17.84 -0.77 1.95
N THR A 72 17.17 -1.91 1.83
CA THR A 72 17.86 -3.19 1.89
C THR A 72 18.91 -3.31 0.79
N LYS A 73 18.61 -2.79 -0.41
CA LYS A 73 19.59 -2.81 -1.49
C LYS A 73 20.65 -1.75 -1.32
N TYR A 74 20.29 -0.60 -0.74
CA TYR A 74 21.28 0.44 -0.46
C TYR A 74 22.34 -0.07 0.52
N GLU A 75 21.90 -0.56 1.69
CA GLU A 75 22.85 -1.05 2.67
C GLU A 75 23.54 -2.32 2.20
N MET A 76 22.91 -3.10 1.34
CA MET A 76 23.56 -4.25 0.73
C MET A 76 24.75 -3.77 -0.09
N LEU A 77 24.49 -2.96 -1.12
CA LEU A 77 25.55 -2.44 -1.97
C LEU A 77 26.67 -1.81 -1.14
N ARG A 78 26.31 -1.13 -0.03
CA ARG A 78 27.33 -0.62 0.87
C ARG A 78 28.11 -1.75 1.52
N ASP A 79 27.43 -2.82 1.91
CA ASP A 79 28.07 -3.95 2.60
C ASP A 79 28.83 -4.83 1.63
N GLN A 80 29.31 -4.27 0.51
CA GLN A 80 30.18 -5.01 -0.39
C GLN A 80 31.29 -4.14 -0.97
N GLY A 81 31.44 -2.90 -0.52
CA GLY A 81 32.55 -2.06 -0.94
C GLY A 81 32.17 -0.91 -1.84
N TYR A 82 30.89 -0.69 -2.10
CA TYR A 82 30.47 0.38 -2.99
C TYR A 82 30.42 1.70 -2.22
N THR A 83 31.20 2.68 -2.68
CA THR A 83 31.24 3.98 -2.03
C THR A 83 30.15 4.93 -2.52
N ASP A 84 29.62 4.71 -3.72
CA ASP A 84 28.60 5.56 -4.28
C ASP A 84 27.58 4.72 -5.04
N ILE A 85 26.32 5.16 -5.02
CA ILE A 85 25.23 4.45 -5.66
C ILE A 85 24.47 5.44 -6.54
N ILE A 86 24.40 5.13 -7.84
CA ILE A 86 23.62 5.91 -8.80
C ILE A 86 22.27 5.24 -8.98
N VAL A 87 21.19 6.00 -8.80
CA VAL A 87 19.84 5.47 -8.82
C VAL A 87 19.06 6.19 -9.92
N ILE A 88 18.74 5.47 -10.99
CA ILE A 88 17.90 5.98 -12.05
C ILE A 88 16.45 5.64 -11.71
N CYS A 89 15.60 6.65 -11.63
CA CYS A 89 14.25 6.46 -11.15
C CYS A 89 13.23 6.75 -12.24
N LEU A 90 12.01 6.28 -12.02
CA LEU A 90 10.89 6.70 -12.85
C LEU A 90 10.71 8.21 -12.73
N SER A 91 10.17 8.82 -13.78
CA SER A 91 10.05 10.27 -13.83
C SER A 91 9.20 10.80 -12.67
N SER A 92 9.74 11.78 -11.96
CA SER A 92 9.05 12.35 -10.81
C SER A 92 7.75 13.03 -11.20
N GLY A 93 7.61 13.46 -12.46
CA GLY A 93 6.36 14.07 -12.90
C GLY A 93 5.20 13.11 -13.01
N ILE A 94 5.45 11.81 -12.98
CA ILE A 94 4.39 10.80 -13.10
C ILE A 94 4.33 9.85 -11.93
N SER A 95 5.35 9.80 -11.07
CA SER A 95 5.41 8.79 -10.03
C SER A 95 6.18 9.34 -8.83
N GLY A 96 6.12 8.59 -7.74
CA GLY A 96 6.81 8.95 -6.52
C GLY A 96 7.94 7.99 -6.19
N SER A 97 8.53 7.37 -7.22
CA SER A 97 9.68 6.50 -7.00
C SER A 97 10.96 7.30 -6.86
N TYR A 98 11.02 8.49 -7.45
CA TYR A 98 12.17 9.36 -7.29
C TYR A 98 12.22 10.02 -5.92
N GLN A 99 11.06 10.33 -5.34
N GLN A 99 11.06 10.31 -5.32
CA GLN A 99 11.02 10.91 -4.01
CA GLN A 99 11.06 10.92 -4.00
C GLN A 99 11.45 9.89 -2.96
C GLN A 99 11.37 9.92 -2.90
N SER A 100 10.97 8.64 -3.08
CA SER A 100 11.29 7.62 -2.08
C SER A 100 12.74 7.16 -2.20
N SER A 101 13.31 7.19 -3.40
CA SER A 101 14.71 6.82 -3.57
C SER A 101 15.63 7.82 -2.90
N TYR A 102 15.26 9.10 -2.88
CA TYR A 102 16.10 10.11 -2.25
C TYR A 102 16.00 10.04 -0.73
N GLN A 103 14.78 9.94 -0.20
CA GLN A 103 14.60 9.92 1.24
C GLN A 103 15.16 8.65 1.87
N ALA A 104 15.03 7.52 1.17
CA ALA A 104 15.56 6.27 1.71
C ALA A 104 17.08 6.28 1.75
N GLY A 105 17.71 6.84 0.71
CA GLY A 105 19.16 6.91 0.72
C GLY A 105 19.72 7.79 1.83
N GLU A 106 18.92 8.76 2.29
CA GLU A 106 19.32 9.57 3.44
C GLU A 106 19.39 8.75 4.72
N MET A 107 18.65 7.64 4.79
CA MET A 107 18.62 6.77 5.96
C MET A 107 19.62 5.63 5.87
N VAL A 108 20.54 5.67 4.91
CA VAL A 108 21.55 4.63 4.72
C VAL A 108 22.92 5.29 4.82
N GLU A 109 23.66 4.94 5.87
CA GLU A 109 24.96 5.54 6.13
C GLU A 109 26.07 4.73 5.46
N GLY A 110 27.19 5.40 5.18
CA GLY A 110 28.36 4.77 4.64
C GLY A 110 28.50 4.87 3.12
N VAL A 111 27.43 5.22 2.42
CA VAL A 111 27.46 5.29 0.97
C VAL A 111 26.71 6.54 0.51
N ASN A 112 27.21 7.14 -0.57
CA ASN A 112 26.60 8.34 -1.14
C ASN A 112 25.54 7.93 -2.16
N VAL A 113 24.28 8.21 -1.86
CA VAL A 113 23.17 7.92 -2.75
C VAL A 113 23.01 9.08 -3.72
N HIS A 114 22.81 8.76 -5.00
CA HIS A 114 22.65 9.76 -6.05
C HIS A 114 21.40 9.41 -6.85
N ALA A 115 20.26 9.97 -6.45
CA ALA A 115 19.02 9.75 -7.17
C ALA A 115 18.97 10.62 -8.41
N PHE A 116 18.56 10.02 -9.53
CA PHE A 116 18.45 10.71 -10.81
C PHE A 116 17.02 10.61 -11.32
N ASP A 117 16.45 11.74 -11.72
CA ASP A 117 15.10 11.79 -12.29
C ASP A 117 15.24 11.58 -13.80
N SER A 118 14.90 10.37 -14.26
CA SER A 118 15.01 10.05 -15.68
C SER A 118 14.13 10.95 -16.55
N LYS A 119 13.09 11.54 -15.97
CA LYS A 119 12.09 12.33 -16.71
C LYS A 119 11.44 11.52 -17.82
N LEU A 120 11.45 10.20 -17.71
CA LEU A 120 10.87 9.32 -18.71
C LEU A 120 10.58 7.97 -18.07
N ALA A 121 10.49 6.92 -18.89
CA ALA A 121 10.07 5.60 -18.42
C ALA A 121 10.56 4.54 -19.41
N ALA A 122 10.28 3.29 -19.08
CA ALA A 122 10.54 2.11 -19.92
C ALA A 122 12.04 2.03 -20.21
N MET A 123 12.40 1.41 -21.34
CA MET A 123 13.81 1.23 -21.67
C MET A 123 14.52 2.56 -21.90
N ILE A 124 13.78 3.63 -22.19
CA ILE A 124 14.41 4.95 -22.27
C ILE A 124 14.97 5.34 -20.92
N GLU A 125 14.20 5.10 -19.85
CA GLU A 125 14.76 5.23 -18.50
C GLU A 125 15.88 4.22 -18.27
N GLY A 126 15.75 3.02 -18.84
CA GLY A 126 16.81 2.03 -18.74
C GLY A 126 18.07 2.39 -19.50
N CYS A 127 17.97 3.26 -20.51
CA CYS A 127 19.15 3.70 -21.23
C CYS A 127 20.08 4.48 -20.31
N TYR A 128 19.50 5.27 -19.39
CA TYR A 128 20.32 5.98 -18.42
C TYR A 128 21.08 5.00 -17.53
N VAL A 129 20.48 3.86 -17.21
CA VAL A 129 21.16 2.86 -16.39
C VAL A 129 22.35 2.28 -17.13
N LEU A 130 22.17 1.93 -18.41
CA LEU A 130 23.26 1.37 -19.18
C LEU A 130 24.33 2.40 -19.48
N ARG A 131 23.96 3.68 -19.55
CA ARG A 131 24.96 4.73 -19.73
C ARG A 131 25.75 4.97 -18.46
N ALA A 132 25.10 4.86 -17.30
CA ALA A 132 25.81 5.03 -16.03
C ALA A 132 26.80 3.90 -15.78
N ILE A 133 26.40 2.66 -16.07
CA ILE A 133 27.29 1.52 -15.91
C ILE A 133 28.47 1.64 -16.86
N GLU A 134 28.22 2.09 -18.10
CA GLU A 134 29.28 2.23 -19.08
C GLU A 134 30.33 3.24 -18.62
N MET A 135 29.89 4.31 -17.97
CA MET A 135 30.83 5.33 -17.49
C MET A 135 31.57 4.87 -16.24
N VAL A 136 30.90 4.11 -15.37
CA VAL A 136 31.56 3.61 -14.16
C VAL A 136 32.73 2.71 -14.52
N GLU A 137 32.54 1.84 -15.53
CA GLU A 137 33.65 1.00 -15.98
C GLU A 137 34.77 1.80 -16.59
N GLU A 138 34.45 2.95 -17.21
CA GLU A 138 35.47 3.79 -17.83
C GLU A 138 36.25 4.62 -16.82
N GLY A 139 35.79 4.70 -15.57
CA GLY A 139 36.51 5.44 -14.55
C GLY A 139 35.97 6.84 -14.33
N TYR A 140 34.66 6.98 -14.25
CA TYR A 140 34.01 8.26 -14.02
C TYR A 140 33.48 8.31 -12.59
N GLU A 141 33.64 9.45 -11.94
CA GLU A 141 33.13 9.67 -10.60
C GLU A 141 31.66 10.10 -10.65
N PRO A 142 30.92 9.93 -9.54
CA PRO A 142 29.45 10.10 -9.57
C PRO A 142 28.96 11.37 -10.24
N GLN A 143 29.41 12.53 -9.77
CA GLN A 143 28.90 13.77 -10.33
C GLN A 143 29.31 13.98 -11.78
N GLN A 144 30.40 13.33 -12.23
CA GLN A 144 30.71 13.32 -13.65
C GLN A 144 29.66 12.54 -14.43
N ILE A 145 29.14 11.46 -13.84
CA ILE A 145 28.11 10.67 -14.49
C ILE A 145 26.78 11.42 -14.49
N ILE A 146 26.43 12.03 -13.36
CA ILE A 146 25.17 12.77 -13.27
C ILE A 146 25.18 13.94 -14.25
N ASP A 147 26.32 14.60 -14.40
CA ASP A 147 26.44 15.67 -15.39
C ASP A 147 26.19 15.14 -16.80
N ASP A 148 26.71 13.95 -17.10
CA ASP A 148 26.48 13.36 -18.41
C ASP A 148 25.03 12.93 -18.58
N LEU A 149 24.46 12.28 -17.56
CA LEU A 149 23.06 11.86 -17.63
C LEU A 149 22.12 13.06 -17.70
N THR A 150 22.50 14.18 -17.07
CA THR A 150 21.70 15.38 -17.20
C THR A 150 21.78 15.95 -18.62
N ASN A 151 22.97 15.87 -19.24
CA ASN A 151 23.11 16.32 -20.61
C ASN A 151 22.37 15.40 -21.58
N MET A 152 22.47 14.08 -21.34
CA MET A 152 21.74 13.12 -22.17
C MET A 152 20.24 13.35 -22.08
N ARG A 153 19.76 13.85 -20.94
CA ARG A 153 18.33 14.08 -20.75
C ARG A 153 17.80 15.20 -21.65
N GLU A 154 18.67 16.08 -22.13
N GLU A 154 18.67 16.08 -22.13
CA GLU A 154 18.24 17.18 -22.98
CA GLU A 154 18.25 17.19 -22.98
C GLU A 154 18.00 16.77 -24.43
C GLU A 154 17.96 16.75 -24.41
N HIS A 155 18.46 15.59 -24.84
CA HIS A 155 18.26 15.07 -26.18
C HIS A 155 17.55 13.73 -26.14
N THR A 156 16.54 13.63 -25.29
CA THR A 156 15.84 12.37 -25.04
C THR A 156 14.35 12.64 -24.91
N GLY A 157 13.54 11.77 -25.52
CA GLY A 157 12.11 11.90 -25.44
C GLY A 157 11.43 10.58 -25.75
N LEU A 158 10.10 10.61 -25.78
CA LEU A 158 9.31 9.41 -26.06
C LEU A 158 7.89 9.83 -26.42
N TYR A 159 7.44 9.43 -27.61
CA TYR A 159 6.05 9.58 -28.01
C TYR A 159 5.34 8.24 -27.82
N LEU A 160 4.03 8.30 -27.59
CA LEU A 160 3.27 7.10 -27.30
C LEU A 160 1.87 7.20 -27.89
N ILE A 161 1.32 6.04 -28.22
CA ILE A 161 -0.04 5.93 -28.75
C ILE A 161 -0.89 5.18 -27.73
N VAL A 162 -2.12 5.63 -27.52
CA VAL A 162 -3.08 4.98 -26.65
C VAL A 162 -4.21 4.42 -27.51
N ASP A 163 -4.35 3.09 -27.53
CA ASP A 163 -5.47 2.42 -28.18
C ASP A 163 -6.20 1.69 -27.05
N ASP A 164 -6.93 2.46 -26.24
CA ASP A 164 -7.81 1.90 -25.22
C ASP A 164 -8.70 2.97 -24.63
N LEU A 165 -9.56 3.56 -25.47
CA LEU A 165 -10.61 4.44 -24.98
C LEU A 165 -11.49 3.75 -23.97
N LYS A 166 -11.56 2.43 -24.01
CA LYS A 166 -12.15 1.63 -22.94
C LYS A 166 -11.47 2.00 -21.63
N ASN A 167 -10.23 1.53 -21.42
CA ASN A 167 -9.51 1.80 -20.17
C ASN A 167 -9.47 3.28 -19.83
N LEU A 168 -9.58 4.16 -20.83
CA LEU A 168 -9.61 5.60 -20.57
C LEU A 168 -10.91 6.03 -19.88
N GLN A 169 -11.96 5.22 -19.98
CA GLN A 169 -13.25 5.56 -19.39
C GLN A 169 -13.38 5.03 -17.96
N LYS A 170 -12.93 3.80 -17.68
CA LYS A 170 -12.98 3.31 -16.31
C LYS A 170 -12.09 4.10 -15.37
N SER A 171 -11.21 4.95 -15.88
CA SER A 171 -10.37 5.80 -15.05
C SER A 171 -10.97 7.18 -14.83
N GLY A 172 -12.06 7.52 -15.50
CA GLY A 172 -12.76 8.76 -15.26
C GLY A 172 -12.30 9.95 -16.09
N ARG A 173 -11.52 9.72 -17.14
CA ARG A 173 -11.05 10.82 -17.98
C ARG A 173 -11.95 11.10 -19.16
N ILE A 174 -12.73 10.12 -19.61
CA ILE A 174 -13.72 10.32 -20.66
C ILE A 174 -15.03 9.67 -20.23
N THR A 175 -16.14 10.26 -20.66
CA THR A 175 -17.45 9.76 -20.26
C THR A 175 -17.75 8.45 -20.98
N GLY A 176 -18.91 7.86 -20.63
CA GLY A 176 -19.29 6.60 -21.25
C GLY A 176 -19.57 6.74 -22.73
N ALA A 177 -20.20 7.85 -23.13
CA ALA A 177 -20.49 8.08 -24.54
C ALA A 177 -19.29 8.59 -25.32
N GLN A 178 -18.27 9.13 -24.64
CA GLN A 178 -17.07 9.57 -25.34
C GLN A 178 -16.28 8.38 -25.88
N ALA A 179 -16.29 7.25 -25.16
CA ALA A 179 -15.74 6.02 -25.72
C ALA A 179 -16.44 5.65 -27.01
N TRP A 180 -17.76 5.80 -27.05
CA TRP A 180 -18.54 5.63 -28.28
C TRP A 180 -18.58 6.95 -29.07
N VAL A 181 -17.41 7.55 -29.22
CA VAL A 181 -17.21 8.68 -30.11
C VAL A 181 -15.82 8.47 -30.71
N GLY A 182 -15.04 7.60 -30.09
CA GLY A 182 -13.73 7.29 -30.63
C GLY A 182 -13.59 5.85 -31.06
N THR A 183 -14.18 4.93 -30.29
CA THR A 183 -14.02 3.51 -30.56
C THR A 183 -14.63 3.14 -31.92
N LEU A 184 -15.88 3.54 -32.13
CA LEU A 184 -16.49 3.40 -33.44
C LEU A 184 -15.76 4.23 -34.49
N LEU A 185 -15.11 5.31 -34.06
CA LEU A 185 -14.44 6.23 -34.95
C LEU A 185 -12.95 5.91 -35.12
N LYS A 186 -12.42 4.96 -34.34
CA LYS A 186 -11.05 4.48 -34.46
C LYS A 186 -10.03 5.59 -34.25
N MET A 187 -10.29 6.46 -33.28
CA MET A 187 -9.43 7.59 -32.97
C MET A 187 -8.38 7.18 -31.95
N LYS A 188 -7.13 7.53 -32.22
CA LYS A 188 -6.01 7.15 -31.36
C LYS A 188 -5.33 8.39 -30.80
N PRO A 189 -5.46 8.68 -29.50
CA PRO A 189 -4.73 9.80 -28.92
C PRO A 189 -3.23 9.55 -28.91
N VAL A 190 -2.47 10.56 -29.31
CA VAL A 190 -1.01 10.49 -29.36
C VAL A 190 -0.46 11.46 -28.32
N LEU A 191 0.31 10.93 -27.39
CA LEU A 191 0.89 11.72 -26.31
C LEU A 191 2.41 11.70 -26.40
N LYS A 192 3.05 12.63 -25.68
CA LYS A 192 4.50 12.70 -25.65
C LYS A 192 4.94 13.16 -24.27
N PHE A 193 6.17 12.81 -23.93
CA PHE A 193 6.78 13.24 -22.68
C PHE A 193 7.47 14.58 -22.86
N GLU A 194 7.34 15.45 -21.86
CA GLU A 194 7.99 16.75 -21.89
C GLU A 194 8.31 17.16 -20.46
N ASP A 195 9.59 17.34 -20.16
CA ASP A 195 10.06 17.75 -18.83
C ASP A 195 9.56 16.79 -17.75
N GLY A 196 9.46 15.51 -18.08
CA GLY A 196 8.99 14.52 -17.13
C GLY A 196 7.49 14.41 -17.03
N LYS A 197 6.74 15.09 -17.88
CA LYS A 197 5.28 15.09 -17.83
C LYS A 197 4.72 14.59 -19.17
N ILE A 198 3.56 13.95 -19.10
CA ILE A 198 2.88 13.44 -20.28
C ILE A 198 1.87 14.49 -20.73
N ILE A 199 2.12 15.11 -21.87
CA ILE A 199 1.23 16.13 -22.41
C ILE A 199 0.65 15.63 -23.72
N PRO A 200 -0.55 16.09 -24.11
CA PRO A 200 -1.12 15.65 -25.39
C PRO A 200 -0.40 16.30 -26.56
N GLU A 201 -0.23 15.53 -27.63
CA GLU A 201 0.41 16.02 -28.86
C GLU A 201 -0.61 16.14 -29.98
N GLU A 202 -1.08 15.02 -30.51
CA GLU A 202 -2.09 15.02 -31.57
C GLU A 202 -3.11 13.93 -31.28
N LYS A 203 -4.17 13.92 -32.08
N LYS A 203 -4.17 13.91 -32.07
CA LYS A 203 -5.22 12.90 -32.01
CA LYS A 203 -5.21 12.89 -32.00
C LYS A 203 -5.43 12.38 -33.43
C LYS A 203 -5.43 12.39 -33.42
N VAL A 204 -4.65 11.38 -33.81
CA VAL A 204 -4.65 10.84 -35.16
C VAL A 204 -5.59 9.65 -35.20
N ARG A 205 -6.52 9.66 -36.14
CA ARG A 205 -7.31 8.48 -36.41
C ARG A 205 -6.41 7.37 -36.95
N THR A 206 -6.95 6.14 -36.91
CA THR A 206 -6.31 4.87 -37.25
C THR A 206 -4.97 4.69 -36.56
N LYS A 207 -4.65 3.44 -36.21
CA LYS A 207 -3.37 3.17 -35.58
C LYS A 207 -2.23 3.26 -36.59
N LYS A 208 -2.52 3.02 -37.87
CA LYS A 208 -1.47 3.03 -38.88
C LYS A 208 -0.87 4.42 -39.05
N ARG A 209 -1.72 5.43 -39.29
CA ARG A 209 -1.21 6.79 -39.40
C ARG A 209 -0.66 7.29 -38.08
N ALA A 210 -1.24 6.84 -36.96
CA ALA A 210 -0.69 7.20 -35.65
C ALA A 210 0.71 6.62 -35.47
N ILE A 211 0.95 5.42 -35.99
CA ILE A 211 2.29 4.85 -35.98
C ILE A 211 3.20 5.62 -36.92
N GLN A 212 2.71 5.90 -38.14
CA GLN A 212 3.46 6.73 -39.07
C GLN A 212 3.68 8.13 -38.49
N THR A 213 2.76 8.61 -37.66
CA THR A 213 2.98 9.86 -36.96
C THR A 213 4.16 9.77 -35.99
N LEU A 214 4.27 8.63 -35.28
CA LEU A 214 5.39 8.44 -34.38
C LEU A 214 6.72 8.42 -35.14
N GLU A 215 6.74 7.76 -36.30
CA GLU A 215 7.98 7.64 -37.05
C GLU A 215 8.46 9.00 -37.55
N LYS A 216 7.58 9.74 -38.22
CA LYS A 216 7.99 11.02 -38.79
C LYS A 216 8.33 12.04 -37.72
N LYS A 217 7.69 11.96 -36.55
CA LYS A 217 7.98 12.92 -35.49
C LYS A 217 9.32 12.65 -34.83
N VAL A 218 9.62 11.39 -34.55
CA VAL A 218 10.89 11.06 -33.90
C VAL A 218 12.05 11.19 -34.88
N LEU A 219 11.83 10.84 -36.15
CA LEU A 219 12.92 10.93 -37.13
C LEU A 219 13.29 12.39 -37.41
N ASP A 220 12.31 13.29 -37.41
CA ASP A 220 12.59 14.70 -37.61
C ASP A 220 13.37 15.31 -36.45
N ILE A 221 13.27 14.72 -35.26
CA ILE A 221 14.00 15.24 -34.11
C ILE A 221 15.43 14.71 -34.09
N VAL A 222 15.59 13.39 -34.23
CA VAL A 222 16.90 12.77 -34.11
C VAL A 222 17.80 12.98 -35.32
N LYS A 223 17.27 13.51 -36.42
CA LYS A 223 18.09 13.78 -37.59
C LYS A 223 19.15 14.83 -37.35
N ASP A 224 19.06 15.57 -36.25
CA ASP A 224 20.04 16.61 -35.91
C ASP A 224 20.97 16.18 -34.78
N PHE A 225 21.02 14.88 -34.48
CA PHE A 225 21.83 14.35 -33.39
C PHE A 225 23.06 13.65 -33.95
N GLU A 226 24.18 13.76 -33.24
CA GLU A 226 25.40 13.07 -33.65
C GLU A 226 25.30 11.57 -33.43
N GLU A 227 24.60 11.16 -32.37
CA GLU A 227 24.34 9.75 -32.09
C GLU A 227 22.84 9.56 -31.86
N VAL A 228 22.32 8.43 -32.30
CA VAL A 228 20.88 8.18 -32.25
C VAL A 228 20.65 6.74 -31.79
N THR A 229 19.77 6.57 -30.79
CA THR A 229 19.35 5.26 -30.31
C THR A 229 17.84 5.27 -30.19
N LEU A 230 17.16 4.52 -31.07
CA LEU A 230 15.71 4.45 -31.08
C LEU A 230 15.24 3.19 -30.39
N PHE A 231 14.09 3.29 -29.71
CA PHE A 231 13.55 2.20 -28.91
C PHE A 231 12.05 2.09 -29.16
N VAL A 232 11.63 1.00 -29.80
CA VAL A 232 10.21 0.70 -29.92
C VAL A 232 9.76 0.00 -28.65
N ILE A 233 8.83 0.62 -27.93
CA ILE A 233 8.32 0.10 -26.67
C ILE A 233 6.87 -0.31 -26.91
N ASN A 234 6.64 -1.60 -27.10
CA ASN A 234 5.35 -2.12 -27.50
C ASN A 234 4.59 -2.69 -26.30
N GLY A 235 3.27 -2.81 -26.48
CA GLY A 235 2.42 -3.40 -25.47
C GLY A 235 2.04 -4.83 -25.79
N ASP A 236 0.75 -5.16 -25.67
CA ASP A 236 0.27 -6.50 -25.96
C ASP A 236 -0.11 -6.70 -27.41
N HIS A 237 -0.02 -5.66 -28.24
CA HIS A 237 -0.26 -5.79 -29.68
C HIS A 237 1.09 -6.04 -30.34
N PHE A 238 1.41 -7.33 -30.53
CA PHE A 238 2.73 -7.70 -31.02
C PHE A 238 2.98 -7.22 -32.44
N GLU A 239 1.97 -7.33 -33.32
CA GLU A 239 2.16 -6.99 -34.71
C GLU A 239 2.40 -5.49 -34.91
N ASP A 240 1.84 -4.66 -34.04
CA ASP A 240 1.98 -3.21 -34.20
C ASP A 240 3.40 -2.76 -33.89
N GLY A 241 3.98 -3.26 -32.80
CA GLY A 241 5.34 -2.87 -32.46
C GLY A 241 6.36 -3.40 -33.43
N GLN A 242 6.14 -4.61 -33.96
CA GLN A 242 7.09 -5.19 -34.90
C GLN A 242 7.04 -4.49 -36.25
N ALA A 243 5.85 -4.12 -36.70
CA ALA A 243 5.73 -3.40 -37.96
C ALA A 243 6.47 -2.06 -37.90
N LEU A 244 6.37 -1.36 -36.78
CA LEU A 244 7.13 -0.12 -36.61
C LEU A 244 8.62 -0.40 -36.48
N TYR A 245 8.97 -1.43 -35.72
CA TYR A 245 10.38 -1.78 -35.55
C TYR A 245 11.02 -2.17 -36.87
N LYS A 246 10.31 -2.95 -37.69
CA LYS A 246 10.86 -3.35 -38.99
C LYS A 246 10.91 -2.17 -39.95
N LYS A 247 9.87 -1.34 -39.96
CA LYS A 247 9.87 -0.17 -40.83
C LYS A 247 10.99 0.80 -40.46
N LEU A 248 11.33 0.88 -39.17
CA LEU A 248 12.42 1.75 -38.75
C LEU A 248 13.76 1.25 -39.29
N GLN A 249 14.01 -0.06 -39.18
CA GLN A 249 15.27 -0.62 -39.70
C GLN A 249 15.43 -0.35 -41.18
N ASP A 250 14.32 -0.32 -41.93
CA ASP A 250 14.40 -0.08 -43.36
C ASP A 250 14.58 1.41 -43.67
N ASP A 251 13.94 2.28 -42.90
CA ASP A 251 13.99 3.71 -43.16
C ASP A 251 15.18 4.40 -42.51
N CYS A 252 15.84 3.75 -41.56
CA CYS A 252 16.93 4.39 -40.86
C CYS A 252 18.28 3.84 -41.32
N PRO A 253 19.31 4.67 -41.38
CA PRO A 253 20.66 4.14 -41.65
C PRO A 253 21.14 3.31 -40.47
N SER A 254 22.06 2.38 -40.77
CA SER A 254 22.62 1.52 -39.73
C SER A 254 23.47 2.29 -38.73
N ALA A 255 23.80 3.55 -39.01
CA ALA A 255 24.40 4.40 -37.98
C ALA A 255 23.45 4.60 -36.81
N TYR A 256 22.14 4.51 -37.07
CA TYR A 256 21.14 4.58 -36.01
C TYR A 256 21.06 3.25 -35.27
N GLN A 257 20.91 3.33 -33.95
CA GLN A 257 20.69 2.15 -33.12
C GLN A 257 19.19 1.97 -32.93
N VAL A 258 18.64 0.92 -33.54
CA VAL A 258 17.22 0.63 -33.49
C VAL A 258 17.01 -0.62 -32.65
N ALA A 259 16.20 -0.51 -31.60
CA ALA A 259 15.98 -1.61 -30.68
C ALA A 259 14.49 -1.78 -30.40
N TYR A 260 14.14 -2.96 -29.91
CA TYR A 260 12.77 -3.32 -29.58
C TYR A 260 12.69 -3.69 -28.10
N SER A 261 11.55 -3.38 -27.48
CA SER A 261 11.33 -3.71 -26.08
C SER A 261 9.83 -3.62 -25.80
N GLU A 262 9.45 -4.13 -24.62
CA GLU A 262 8.07 -4.09 -24.17
C GLU A 262 8.04 -3.60 -22.72
N PHE A 263 6.94 -2.94 -22.35
CA PHE A 263 6.79 -2.47 -20.99
C PHE A 263 6.02 -3.49 -20.14
N GLY A 264 5.95 -3.22 -18.85
CA GLY A 264 5.40 -4.16 -17.90
C GLY A 264 4.07 -3.73 -17.32
N PRO A 265 3.66 -4.38 -16.22
CA PRO A 265 2.31 -4.15 -15.69
C PRO A 265 2.06 -2.72 -15.21
N VAL A 266 3.06 -2.07 -14.61
CA VAL A 266 2.85 -0.74 -14.05
C VAL A 266 2.53 0.26 -15.15
N VAL A 267 3.32 0.26 -16.22
CA VAL A 267 3.07 1.16 -17.34
C VAL A 267 1.79 0.74 -18.07
N ALA A 268 1.58 -0.57 -18.24
CA ALA A 268 0.40 -1.06 -18.94
C ALA A 268 -0.88 -0.73 -18.19
N ALA A 269 -0.80 -0.63 -16.85
CA ALA A 269 -2.00 -0.32 -16.07
C ALA A 269 -2.59 1.02 -16.46
N HIS A 270 -1.77 1.97 -16.89
CA HIS A 270 -2.23 3.29 -17.30
C HIS A 270 -2.45 3.40 -18.80
N LEU A 271 -1.76 2.59 -19.60
CA LEU A 271 -1.95 2.61 -21.04
C LEU A 271 -3.08 1.70 -21.50
N GLY A 272 -3.32 0.60 -20.80
CA GLY A 272 -4.32 -0.36 -21.23
C GLY A 272 -3.74 -1.35 -22.23
N SER A 273 -4.61 -1.85 -23.09
CA SER A 273 -4.21 -2.77 -24.14
C SER A 273 -3.79 -2.00 -25.39
N GLY A 274 -2.99 -2.65 -26.24
CA GLY A 274 -2.60 -2.04 -27.50
C GLY A 274 -1.75 -0.81 -27.40
N GLY A 275 -1.10 -0.58 -26.27
CA GLY A 275 -0.23 0.57 -26.13
C GLY A 275 1.04 0.42 -26.95
N LEU A 276 1.57 1.55 -27.41
CA LEU A 276 2.77 1.54 -28.22
C LEU A 276 3.48 2.89 -28.09
N GLY A 277 4.80 2.84 -27.89
CA GLY A 277 5.59 4.04 -27.78
C GLY A 277 6.82 3.97 -28.68
N LEU A 278 7.47 5.12 -28.83
CA LEU A 278 8.70 5.21 -29.60
C LEU A 278 9.58 6.27 -28.95
N GLY A 279 10.68 5.84 -28.32
CA GLY A 279 11.59 6.73 -27.65
C GLY A 279 12.88 6.91 -28.44
N TYR A 280 13.67 7.90 -28.00
CA TYR A 280 14.93 8.20 -28.66
C TYR A 280 15.93 8.69 -27.62
N VAL A 281 17.21 8.46 -27.91
CA VAL A 281 18.32 8.96 -27.11
C VAL A 281 19.33 9.58 -28.06
N GLY A 282 19.87 10.74 -27.68
CA GLY A 282 20.88 11.39 -28.49
C GLY A 282 22.27 10.82 -28.25
N ARG A 283 22.34 9.55 -27.88
CA ARG A 283 23.61 8.89 -27.59
C ARG A 283 23.59 7.48 -28.16
N LYS A 284 24.79 6.95 -28.41
CA LYS A 284 24.96 5.55 -28.81
C LYS A 284 25.09 4.73 -27.54
N ILE A 285 23.96 4.33 -26.97
CA ILE A 285 23.93 3.61 -25.70
C ILE A 285 24.38 2.17 -25.92
N ARG A 286 25.22 1.68 -25.03
CA ARG A 286 25.69 0.29 -25.08
C ARG A 286 24.58 -0.63 -24.58
N LEU A 287 24.01 -1.42 -25.48
CA LEU A 287 22.94 -2.34 -25.14
C LEU A 287 23.42 -3.77 -24.94
N THR A 288 24.70 -4.05 -25.19
CA THR A 288 25.24 -5.39 -25.03
C THR A 288 25.61 -5.66 -23.57
N MET B 1 5.18 -11.44 44.30
CA MET B 1 4.53 -11.66 43.01
C MET B 1 3.67 -10.46 42.61
N LYS B 2 3.95 -9.89 41.45
CA LYS B 2 3.20 -8.77 40.91
C LYS B 2 2.90 -9.04 39.45
N ILE B 3 1.61 -9.05 39.09
CA ILE B 3 1.17 -9.35 37.74
C ILE B 3 0.84 -8.04 37.04
N ALA B 4 1.46 -7.81 35.89
CA ALA B 4 1.20 -6.63 35.07
C ALA B 4 0.26 -6.99 33.93
N VAL B 5 -0.50 -6.00 33.48
CA VAL B 5 -1.39 -6.15 32.34
C VAL B 5 -1.08 -5.04 31.35
N MET B 6 -0.69 -5.42 30.14
CA MET B 6 -0.41 -4.48 29.07
C MET B 6 -1.12 -4.94 27.80
N THR B 7 -1.05 -4.12 26.76
CA THR B 7 -1.75 -4.40 25.51
C THR B 7 -1.04 -3.64 24.40
N ASP B 8 -1.62 -3.71 23.20
CA ASP B 8 -1.16 -2.90 22.09
C ASP B 8 -2.10 -1.71 21.92
N SER B 9 -1.70 -0.80 21.04
CA SER B 9 -2.44 0.45 20.85
C SER B 9 -3.78 0.24 20.16
N THR B 10 -4.07 -0.95 19.65
CA THR B 10 -5.29 -1.18 18.88
C THR B 10 -6.52 -1.40 19.74
N SER B 11 -6.37 -1.58 21.06
CA SER B 11 -7.54 -1.67 21.92
C SER B 11 -8.12 -0.30 22.25
N TYR B 12 -7.34 0.77 22.06
CA TYR B 12 -7.83 2.15 22.14
C TYR B 12 -8.47 2.44 23.50
N LEU B 13 -7.67 2.28 24.54
CA LEU B 13 -8.09 2.63 25.89
C LEU B 13 -7.84 4.10 26.16
N SER B 14 -8.76 4.73 26.89
CA SER B 14 -8.61 6.14 27.22
C SER B 14 -7.38 6.35 28.10
N GLN B 15 -6.77 7.53 27.97
CA GLN B 15 -5.58 7.85 28.75
C GLN B 15 -5.87 7.82 30.24
N ASP B 16 -7.12 8.07 30.64
CA ASP B 16 -7.50 7.99 32.04
C ASP B 16 -7.29 6.59 32.59
N LEU B 17 -7.77 5.58 31.85
CA LEU B 17 -7.58 4.20 32.29
C LEU B 17 -6.13 3.79 32.23
N ILE B 18 -5.38 4.29 31.24
CA ILE B 18 -3.97 3.94 31.11
C ILE B 18 -3.17 4.51 32.29
N ASP B 19 -3.41 5.77 32.64
CA ASP B 19 -2.65 6.41 33.71
C ASP B 19 -3.03 5.84 35.07
N LYS B 20 -4.32 5.56 35.28
CA LYS B 20 -4.77 5.05 36.58
C LYS B 20 -4.18 3.67 36.86
N TYR B 21 -4.08 2.82 35.84
CA TYR B 21 -3.65 1.45 36.02
C TYR B 21 -2.24 1.19 35.49
N ASN B 22 -1.53 2.22 35.03
CA ASN B 22 -0.16 2.09 34.54
C ASN B 22 -0.07 1.04 33.43
N ILE B 23 -0.96 1.16 32.44
CA ILE B 23 -1.03 0.20 31.35
C ILE B 23 -0.01 0.59 30.28
N GLN B 24 0.96 -0.29 30.04
CA GLN B 24 1.91 -0.08 28.96
C GLN B 24 1.27 -0.45 27.63
N ILE B 25 1.75 0.21 26.57
CA ILE B 25 1.16 0.07 25.24
C ILE B 25 2.29 -0.13 24.23
N ALA B 26 2.25 -1.25 23.52
CA ALA B 26 3.13 -1.47 22.38
C ALA B 26 2.45 -0.92 21.14
N PRO B 27 2.89 0.20 20.59
CA PRO B 27 2.12 0.87 19.54
C PRO B 27 2.31 0.25 18.17
N LEU B 28 1.25 0.33 17.37
CA LEU B 28 1.27 -0.07 15.98
C LEU B 28 1.52 1.15 15.10
N SER B 29 2.10 0.91 13.92
CA SER B 29 2.56 1.98 13.05
C SER B 29 1.72 2.09 11.79
N VAL B 30 1.43 3.33 11.41
CA VAL B 30 0.80 3.64 10.13
C VAL B 30 1.85 4.30 9.25
N THR B 31 1.82 4.00 7.95
CA THR B 31 2.80 4.55 7.01
C THR B 31 2.15 4.80 5.67
N PHE B 32 2.25 6.04 5.18
CA PHE B 32 1.62 6.46 3.93
C PHE B 32 2.57 6.28 2.75
N ASP B 33 2.63 7.30 1.88
CA ASP B 33 3.53 7.28 0.73
C ASP B 33 4.72 8.21 0.88
N ASP B 34 4.59 9.30 1.65
CA ASP B 34 5.70 10.20 1.89
C ASP B 34 6.61 9.62 2.98
N GLY B 35 6.65 8.29 3.09
CA GLY B 35 7.34 7.66 4.20
C GLY B 35 6.63 7.94 5.50
N LYS B 36 6.92 9.10 6.09
CA LYS B 36 6.19 9.59 7.25
C LYS B 36 6.27 8.63 8.44
N ASN B 37 5.41 7.61 8.43
CA ASN B 37 5.29 6.63 9.50
C ASN B 37 4.78 7.30 10.78
N PHE B 38 3.54 7.01 11.15
CA PHE B 38 2.88 7.64 12.29
C PHE B 38 2.50 6.55 13.29
N THR B 39 3.25 6.45 14.39
CA THR B 39 2.89 5.50 15.42
C THR B 39 1.56 5.88 16.07
N GLU B 40 0.90 4.89 16.66
CA GLU B 40 -0.34 5.14 17.40
C GLU B 40 0.01 5.67 18.78
N SER B 41 -0.54 6.84 19.12
CA SER B 41 -0.08 7.61 20.27
C SER B 41 -1.14 7.93 21.30
N ASN B 42 -2.41 8.08 20.88
CA ASN B 42 -3.48 8.65 21.70
C ASN B 42 -3.18 10.09 22.13
N GLU B 43 -2.20 10.73 21.51
CA GLU B 43 -1.84 12.11 21.79
C GLU B 43 -1.94 13.02 20.57
N ILE B 44 -1.55 12.53 19.39
CA ILE B 44 -1.65 13.29 18.15
C ILE B 44 -2.26 12.35 17.10
N ALA B 45 -3.59 12.34 17.01
CA ALA B 45 -4.30 11.52 16.04
C ALA B 45 -5.76 11.94 15.95
N ILE B 46 -6.07 13.13 16.50
CA ILE B 46 -7.45 13.60 16.59
C ILE B 46 -7.94 14.09 15.23
N GLU B 47 -8.24 13.14 14.34
CA GLU B 47 -8.79 13.33 12.98
C GLU B 47 -7.68 13.47 11.94
N GLU B 48 -6.79 14.46 12.10
CA GLU B 48 -5.88 14.88 11.04
C GLU B 48 -5.11 13.73 10.39
N PHE B 49 -5.13 12.55 11.00
CA PHE B 49 -4.75 11.34 10.26
C PHE B 49 -5.64 11.17 9.03
N TYR B 50 -6.92 11.54 9.15
CA TYR B 50 -7.80 11.57 7.98
C TYR B 50 -7.52 12.78 7.09
N ASN B 51 -7.08 13.89 7.67
CA ASN B 51 -6.76 15.07 6.89
C ASN B 51 -5.62 14.80 5.93
N LYS B 52 -4.55 14.16 6.42
CA LYS B 52 -3.47 13.73 5.55
C LYS B 52 -3.91 12.58 4.65
N MET B 53 -4.89 11.79 5.09
CA MET B 53 -5.45 10.73 4.26
C MET B 53 -6.52 11.23 3.31
N ALA B 54 -6.79 12.54 3.28
CA ALA B 54 -7.58 13.10 2.19
C ALA B 54 -6.92 12.84 0.85
N SER B 55 -5.58 12.72 0.84
CA SER B 55 -4.84 12.19 -0.29
C SER B 55 -4.96 10.65 -0.30
N SER B 56 -6.20 10.19 -0.40
CA SER B 56 -6.49 8.77 -0.35
C SER B 56 -6.17 8.10 -1.68
N GLN B 57 -6.73 6.91 -1.92
CA GLN B 57 -6.31 5.98 -2.96
C GLN B 57 -4.94 5.42 -2.62
N THR B 58 -4.10 6.25 -1.99
CA THR B 58 -2.85 5.79 -1.38
C THR B 58 -3.14 5.31 0.04
N ILE B 59 -3.94 4.24 0.11
CA ILE B 59 -4.35 3.68 1.40
C ILE B 59 -3.12 3.14 2.13
N PRO B 60 -2.86 3.60 3.34
CA PRO B 60 -1.61 3.25 4.02
C PRO B 60 -1.56 1.77 4.38
N THR B 61 -0.36 1.34 4.80
CA THR B 61 -0.11 -0.02 5.23
C THR B 61 0.26 0.01 6.70
N THR B 62 -0.48 -0.72 7.52
CA THR B 62 -0.26 -0.73 8.96
C THR B 62 0.73 -1.82 9.35
N SER B 63 1.31 -1.66 10.54
CA SER B 63 2.33 -2.58 11.02
C SER B 63 2.05 -2.96 12.46
N GLN B 64 2.34 -4.22 12.79
CA GLN B 64 2.32 -4.65 14.17
C GLN B 64 3.51 -4.06 14.92
N PRO B 65 3.46 -4.01 16.25
CA PRO B 65 4.60 -3.45 17.00
C PRO B 65 5.85 -4.26 16.77
N ALA B 66 6.98 -3.57 16.60
CA ALA B 66 8.25 -4.23 16.40
C ALA B 66 8.58 -5.09 17.61
N ILE B 67 9.44 -6.09 17.38
CA ILE B 67 9.83 -7.01 18.44
C ILE B 67 10.50 -6.26 19.58
N GLY B 68 11.37 -5.29 19.25
CA GLY B 68 12.04 -4.53 20.28
C GLY B 68 11.09 -3.71 21.14
N GLU B 69 9.94 -3.33 20.58
CA GLU B 69 8.95 -2.60 21.37
C GLU B 69 8.42 -3.46 22.52
N TRP B 70 8.12 -4.74 22.23
CA TRP B 70 7.66 -5.63 23.28
C TRP B 70 8.77 -5.89 24.30
N ILE B 71 9.99 -6.09 23.82
CA ILE B 71 11.14 -6.41 24.69
C ILE B 71 11.33 -5.31 25.72
N THR B 72 11.24 -4.04 25.28
CA THR B 72 11.51 -2.92 26.17
C THR B 72 10.44 -2.82 27.26
N LYS B 73 9.17 -2.94 26.89
CA LYS B 73 8.11 -2.90 27.90
C LYS B 73 8.18 -4.11 28.81
N TYR B 74 8.54 -5.27 28.26
CA TYR B 74 8.71 -6.46 29.09
C TYR B 74 9.80 -6.26 30.14
N GLU B 75 10.98 -5.79 29.69
CA GLU B 75 12.09 -5.57 30.63
C GLU B 75 11.82 -4.40 31.56
N MET B 76 11.03 -3.42 31.12
CA MET B 76 10.67 -2.31 32.00
C MET B 76 9.80 -2.79 33.15
N LEU B 77 8.74 -3.55 32.84
CA LEU B 77 7.85 -4.04 33.88
C LEU B 77 8.52 -5.10 34.73
N ARG B 78 9.34 -5.96 34.12
CA ARG B 78 10.04 -6.98 34.88
C ARG B 78 10.97 -6.36 35.92
N ASP B 79 11.76 -5.37 35.51
CA ASP B 79 12.64 -4.68 36.45
C ASP B 79 11.89 -3.79 37.44
N GLN B 80 10.59 -3.63 37.27
CA GLN B 80 9.76 -2.88 38.20
C GLN B 80 9.05 -3.77 39.20
N GLY B 81 9.59 -4.96 39.46
CA GLY B 81 9.04 -5.86 40.45
C GLY B 81 8.03 -6.87 39.93
N TYR B 82 7.60 -6.74 38.68
CA TYR B 82 6.61 -7.66 38.14
C TYR B 82 7.23 -9.03 37.87
N THR B 83 6.41 -10.07 38.05
CA THR B 83 6.81 -11.44 37.73
C THR B 83 6.15 -11.98 36.47
N ASP B 84 4.91 -11.56 36.20
CA ASP B 84 4.18 -12.01 35.02
C ASP B 84 3.52 -10.80 34.35
N ILE B 85 3.35 -10.89 33.04
CA ILE B 85 2.73 -9.83 32.24
C ILE B 85 1.61 -10.47 31.42
N ILE B 86 0.38 -10.03 31.67
CA ILE B 86 -0.75 -10.42 30.84
C ILE B 86 -0.82 -9.47 29.65
N VAL B 87 -0.71 -10.01 28.45
CA VAL B 87 -0.63 -9.22 27.23
C VAL B 87 -1.88 -9.50 26.41
N ILE B 88 -2.71 -8.46 26.23
CA ILE B 88 -3.91 -8.54 25.41
C ILE B 88 -3.62 -7.88 24.08
N CYS B 89 -3.68 -8.65 23.00
CA CYS B 89 -3.28 -8.16 21.70
C CYS B 89 -4.44 -8.21 20.72
N LEU B 90 -4.21 -7.64 19.54
CA LEU B 90 -5.18 -7.64 18.46
C LEU B 90 -5.51 -9.07 18.04
N SER B 91 -6.54 -9.21 17.21
CA SER B 91 -7.00 -10.52 16.78
C SER B 91 -5.91 -11.27 16.05
N SER B 92 -5.99 -12.61 16.11
CA SER B 92 -4.98 -13.44 15.45
C SER B 92 -5.05 -13.29 13.93
N GLY B 93 -6.26 -13.36 13.37
CA GLY B 93 -6.41 -13.46 11.93
C GLY B 93 -6.53 -12.16 11.18
N ILE B 94 -6.10 -11.05 11.77
CA ILE B 94 -6.11 -9.77 11.07
C ILE B 94 -4.78 -9.04 11.28
N SER B 95 -3.96 -9.52 12.21
CA SER B 95 -2.72 -8.82 12.51
C SER B 95 -1.73 -9.78 13.15
N GLY B 96 -0.45 -9.49 12.96
CA GLY B 96 0.61 -10.28 13.55
C GLY B 96 1.10 -9.70 14.86
N SER B 97 0.26 -8.85 15.48
CA SER B 97 0.63 -8.26 16.76
C SER B 97 0.71 -9.33 17.85
N TYR B 98 -0.24 -10.27 17.87
CA TYR B 98 -0.21 -11.35 18.85
C TYR B 98 1.03 -12.22 18.67
N GLN B 99 1.46 -12.41 17.43
CA GLN B 99 2.66 -13.21 17.17
C GLN B 99 3.91 -12.49 17.66
N SER B 100 4.07 -11.22 17.26
CA SER B 100 5.20 -10.43 17.75
C SER B 100 5.19 -10.31 19.27
N SER B 101 4.00 -10.37 19.88
CA SER B 101 3.91 -10.41 21.34
C SER B 101 4.47 -11.72 21.87
N TYR B 102 4.04 -12.84 21.30
CA TYR B 102 4.49 -14.14 21.78
C TYR B 102 5.97 -14.37 21.46
N GLN B 103 6.41 -13.97 20.27
CA GLN B 103 7.80 -14.16 19.89
C GLN B 103 8.75 -13.44 20.84
N ALA B 104 8.48 -12.16 21.09
CA ALA B 104 9.33 -11.40 22.00
C ALA B 104 9.18 -11.87 23.45
N GLY B 105 8.04 -12.45 23.80
CA GLY B 105 7.84 -12.91 25.16
C GLY B 105 8.77 -14.04 25.55
N GLU B 106 9.03 -14.95 24.63
CA GLU B 106 9.90 -16.09 24.89
C GLU B 106 11.38 -15.78 24.68
N MET B 107 11.71 -14.53 24.34
CA MET B 107 13.10 -14.11 24.27
C MET B 107 13.58 -13.44 25.55
N VAL B 108 12.70 -12.72 26.25
CA VAL B 108 13.10 -12.12 27.51
C VAL B 108 13.23 -13.21 28.56
N GLU B 109 14.14 -13.00 29.52
CA GLU B 109 14.27 -13.85 30.69
C GLU B 109 14.03 -13.01 31.94
N GLY B 110 13.74 -13.68 33.04
CA GLY B 110 13.44 -13.03 34.29
C GLY B 110 11.99 -12.64 34.49
N VAL B 111 11.12 -12.92 33.52
CA VAL B 111 9.71 -12.60 33.62
C VAL B 111 8.94 -13.57 32.73
N ASN B 112 7.79 -14.03 33.22
CA ASN B 112 6.93 -14.94 32.48
C ASN B 112 5.89 -14.15 31.72
N VAL B 113 5.94 -14.22 30.39
CA VAL B 113 5.03 -13.48 29.54
C VAL B 113 3.84 -14.37 29.18
N HIS B 114 2.63 -13.84 29.35
CA HIS B 114 1.39 -14.55 29.02
C HIS B 114 0.67 -13.75 27.94
N ALA B 115 0.91 -14.11 26.68
CA ALA B 115 0.24 -13.46 25.57
C ALA B 115 -1.14 -14.04 25.38
N PHE B 116 -2.14 -13.17 25.22
CA PHE B 116 -3.52 -13.58 25.04
C PHE B 116 -4.04 -13.04 23.71
N ASP B 117 -4.64 -13.91 22.92
CA ASP B 117 -5.23 -13.52 21.64
C ASP B 117 -6.68 -13.13 21.88
N SER B 118 -6.97 -11.83 21.86
CA SER B 118 -8.32 -11.35 22.13
C SER B 118 -9.30 -11.69 21.03
N LYS B 119 -8.81 -12.04 19.84
CA LYS B 119 -9.63 -12.38 18.67
C LYS B 119 -10.55 -11.24 18.25
N LEU B 120 -10.22 -10.01 18.64
CA LEU B 120 -11.05 -8.86 18.29
C LEU B 120 -10.23 -7.57 18.26
N ALA B 121 -10.87 -6.43 18.50
CA ALA B 121 -10.22 -5.13 18.33
C ALA B 121 -10.96 -4.10 19.17
N ALA B 122 -10.44 -2.87 19.13
CA ALA B 122 -11.07 -1.69 19.72
C ALA B 122 -11.28 -1.91 21.22
N MET B 123 -12.26 -1.21 21.81
CA MET B 123 -12.48 -1.30 23.24
C MET B 123 -12.96 -2.68 23.68
N ILE B 124 -13.52 -3.48 22.77
CA ILE B 124 -13.87 -4.86 23.10
C ILE B 124 -12.62 -5.61 23.51
N GLU B 125 -11.52 -5.44 22.77
CA GLU B 125 -10.23 -5.95 23.21
C GLU B 125 -9.78 -5.27 24.50
N GLY B 126 -10.11 -4.00 24.67
CA GLY B 126 -9.74 -3.28 25.88
C GLY B 126 -10.43 -3.80 27.13
N CYS B 127 -11.63 -4.37 26.97
CA CYS B 127 -12.31 -4.97 28.11
C CYS B 127 -11.50 -6.12 28.70
N TYR B 128 -10.80 -6.88 27.85
CA TYR B 128 -9.95 -7.95 28.35
C TYR B 128 -8.84 -7.40 29.24
N VAL B 129 -8.33 -6.21 28.90
CA VAL B 129 -7.30 -5.58 29.74
C VAL B 129 -7.89 -5.20 31.09
N LEU B 130 -9.03 -4.51 31.09
CA LEU B 130 -9.63 -4.08 32.34
C LEU B 130 -10.19 -5.25 33.14
N ARG B 131 -10.63 -6.31 32.46
CA ARG B 131 -11.03 -7.51 33.18
C ARG B 131 -9.83 -8.17 33.84
N ALA B 132 -8.69 -8.23 33.13
CA ALA B 132 -7.48 -8.75 33.74
C ALA B 132 -7.03 -7.88 34.90
N ILE B 133 -7.07 -6.56 34.73
CA ILE B 133 -6.66 -5.65 35.80
C ILE B 133 -7.55 -5.83 37.03
N GLU B 134 -8.85 -6.04 36.81
CA GLU B 134 -9.75 -6.25 37.93
C GLU B 134 -9.41 -7.50 38.70
N MET B 135 -9.05 -8.59 37.99
CA MET B 135 -8.81 -9.86 38.65
C MET B 135 -7.46 -9.89 39.37
N VAL B 136 -6.43 -9.24 38.82
CA VAL B 136 -5.17 -9.16 39.52
C VAL B 136 -5.30 -8.33 40.79
N GLU B 137 -6.28 -7.42 40.84
CA GLU B 137 -6.59 -6.74 42.09
C GLU B 137 -7.29 -7.67 43.06
N GLU B 138 -8.13 -8.57 42.54
CA GLU B 138 -8.87 -9.51 43.37
C GLU B 138 -8.03 -10.70 43.83
N GLY B 139 -6.80 -10.82 43.34
CA GLY B 139 -5.88 -11.84 43.80
C GLY B 139 -5.70 -13.02 42.87
N TYR B 140 -6.29 -12.99 41.68
CA TYR B 140 -6.14 -14.11 40.75
C TYR B 140 -4.74 -14.13 40.15
N GLU B 141 -4.30 -15.33 39.75
CA GLU B 141 -2.99 -15.58 39.19
C GLU B 141 -3.09 -15.74 37.67
N PRO B 142 -1.98 -15.49 36.94
CA PRO B 142 -2.07 -15.35 35.47
C PRO B 142 -2.82 -16.46 34.76
N GLN B 143 -2.60 -17.73 35.15
CA GLN B 143 -3.31 -18.83 34.50
C GLN B 143 -4.81 -18.75 34.76
N GLN B 144 -5.20 -18.33 35.96
CA GLN B 144 -6.61 -18.10 36.24
C GLN B 144 -7.14 -16.90 35.47
N ILE B 145 -6.28 -15.91 35.20
CA ILE B 145 -6.69 -14.79 34.34
C ILE B 145 -6.94 -15.29 32.92
N ILE B 146 -5.99 -16.05 32.37
CA ILE B 146 -6.14 -16.57 31.01
C ILE B 146 -7.36 -17.48 30.91
N ASP B 147 -7.62 -18.25 31.97
CA ASP B 147 -8.78 -19.13 31.96
C ASP B 147 -10.08 -18.34 31.90
N ASP B 148 -10.15 -17.23 32.64
CA ASP B 148 -11.36 -16.41 32.63
C ASP B 148 -11.50 -15.64 31.33
N LEU B 149 -10.40 -15.10 30.82
CA LEU B 149 -10.44 -14.36 29.56
C LEU B 149 -10.81 -15.28 28.40
N THR B 150 -10.50 -16.57 28.49
CA THR B 150 -10.86 -17.49 27.43
C THR B 150 -12.35 -17.77 27.43
N ASN B 151 -12.94 -18.00 28.61
CA ASN B 151 -14.39 -18.18 28.69
C ASN B 151 -15.12 -16.89 28.32
N MET B 152 -14.56 -15.74 28.67
CA MET B 152 -15.14 -14.47 28.27
C MET B 152 -15.12 -14.32 26.76
N ARG B 153 -14.09 -14.85 26.09
CA ARG B 153 -14.01 -14.77 24.63
C ARG B 153 -15.09 -15.59 23.96
N GLU B 154 -15.65 -16.59 24.65
CA GLU B 154 -16.73 -17.38 24.05
C GLU B 154 -18.03 -16.58 23.99
N HIS B 155 -18.19 -15.60 24.88
CA HIS B 155 -19.40 -14.77 24.89
C HIS B 155 -19.05 -13.32 24.57
N THR B 156 -18.37 -13.11 23.43
CA THR B 156 -17.90 -11.78 23.05
C THR B 156 -17.88 -11.69 21.53
N GLY B 157 -18.46 -10.62 21.00
CA GLY B 157 -18.52 -10.44 19.56
C GLY B 157 -18.51 -8.99 19.12
N LEU B 158 -18.71 -8.77 17.81
CA LEU B 158 -18.65 -7.43 17.24
C LEU B 158 -19.22 -7.41 15.83
N TYR B 159 -20.29 -6.67 15.62
CA TYR B 159 -20.82 -6.37 14.30
C TYR B 159 -20.44 -4.94 13.92
N LEU B 160 -20.39 -4.67 12.61
CA LEU B 160 -19.89 -3.38 12.17
C LEU B 160 -20.40 -3.06 10.77
N ILE B 161 -20.33 -1.78 10.43
CA ILE B 161 -20.65 -1.25 9.10
C ILE B 161 -19.43 -0.52 8.58
N VAL B 162 -19.24 -0.56 7.26
CA VAL B 162 -18.06 0.00 6.62
C VAL B 162 -18.40 0.94 5.48
N ASP B 163 -19.68 1.13 5.15
CA ASP B 163 -20.15 2.04 4.12
C ASP B 163 -19.69 1.62 2.72
N ASP B 164 -18.39 1.34 2.57
CA ASP B 164 -17.84 0.86 1.31
C ASP B 164 -16.61 0.02 1.61
N LEU B 165 -16.51 -1.12 0.94
CA LEU B 165 -15.36 -2.00 1.12
C LEU B 165 -14.15 -1.47 0.37
N LYS B 166 -13.79 -2.14 -0.73
CA LYS B 166 -12.60 -1.82 -1.52
C LYS B 166 -11.36 -1.73 -0.64
N ASN B 167 -11.22 -0.64 0.12
CA ASN B 167 -10.11 -0.53 1.06
C ASN B 167 -10.18 -1.61 2.13
N LEU B 168 -11.36 -2.15 2.40
CA LEU B 168 -11.46 -3.35 3.23
C LEU B 168 -11.27 -4.62 2.41
N GLN B 169 -11.49 -4.56 1.10
CA GLN B 169 -11.15 -5.68 0.23
C GLN B 169 -9.68 -5.65 -0.17
N LYS B 170 -9.16 -4.46 -0.47
CA LYS B 170 -7.73 -4.28 -0.68
C LYS B 170 -6.93 -4.52 0.60
N SER B 171 -7.60 -4.56 1.75
CA SER B 171 -6.91 -4.75 3.02
C SER B 171 -6.25 -6.11 3.11
N GLY B 172 -6.80 -7.12 2.43
CA GLY B 172 -6.48 -8.49 2.72
C GLY B 172 -7.06 -8.99 4.02
N ARG B 173 -7.69 -8.12 4.81
CA ARG B 173 -8.32 -8.49 6.07
C ARG B 173 -9.70 -9.09 5.88
N ILE B 174 -10.22 -9.11 4.66
CA ILE B 174 -11.49 -9.75 4.37
C ILE B 174 -11.22 -11.21 4.01
N THR B 175 -12.17 -12.08 4.35
CA THR B 175 -12.00 -13.51 4.12
C THR B 175 -13.16 -14.06 3.30
N ALA B 179 -17.27 -13.01 -0.11
CA ALA B 179 -16.45 -11.82 -0.32
C ALA B 179 -16.69 -11.24 -1.71
N TRP B 180 -16.15 -10.03 -1.94
CA TRP B 180 -16.22 -9.35 -3.23
C TRP B 180 -17.66 -9.08 -3.65
N VAL B 181 -18.35 -10.12 -4.14
CA VAL B 181 -19.68 -9.92 -4.72
C VAL B 181 -20.72 -9.64 -3.63
N GLY B 182 -20.55 -10.22 -2.44
CA GLY B 182 -21.52 -10.03 -1.39
C GLY B 182 -21.51 -8.66 -0.76
N THR B 183 -21.67 -7.62 -1.59
CA THR B 183 -21.64 -6.24 -1.10
C THR B 183 -22.21 -5.27 -2.12
N LEU B 184 -22.04 -5.56 -3.41
CA LEU B 184 -22.40 -4.64 -4.50
C LEU B 184 -21.60 -3.36 -4.26
N LEU B 185 -22.22 -2.18 -4.32
CA LEU B 185 -21.56 -0.95 -3.90
C LEU B 185 -22.62 0.12 -3.59
N LYS B 186 -23.78 0.00 -4.20
CA LYS B 186 -24.90 0.88 -3.93
C LYS B 186 -25.76 0.42 -2.76
N MET B 187 -25.35 -0.66 -2.08
CA MET B 187 -26.06 -1.20 -0.94
C MET B 187 -25.34 -0.81 0.35
N LYS B 188 -25.60 -1.54 1.43
CA LYS B 188 -24.98 -1.28 2.72
C LYS B 188 -24.55 -2.59 3.38
N PRO B 189 -23.25 -2.83 3.52
CA PRO B 189 -22.79 -4.11 4.08
C PRO B 189 -22.58 -4.07 5.59
N VAL B 190 -23.04 -5.12 6.25
CA VAL B 190 -22.80 -5.34 7.66
C VAL B 190 -21.95 -6.60 7.81
N LEU B 191 -20.91 -6.52 8.63
CA LEU B 191 -19.99 -7.62 8.84
C LEU B 191 -20.02 -8.05 10.30
N LYS B 192 -19.38 -9.19 10.57
CA LYS B 192 -19.29 -9.72 11.91
C LYS B 192 -17.89 -10.26 12.13
N PHE B 193 -17.60 -10.63 13.37
CA PHE B 193 -16.33 -11.22 13.75
C PHE B 193 -16.54 -12.70 14.07
N GLU B 194 -15.72 -13.55 13.46
CA GLU B 194 -15.82 -15.00 13.63
C GLU B 194 -14.43 -15.57 13.82
N ASP B 195 -14.16 -16.12 15.00
CA ASP B 195 -12.87 -16.74 15.31
C ASP B 195 -11.71 -15.77 15.10
N GLY B 196 -11.97 -14.47 15.29
CA GLY B 196 -10.94 -13.48 15.08
C GLY B 196 -10.79 -12.98 13.67
N LYS B 197 -11.76 -13.26 12.80
CA LYS B 197 -11.71 -12.84 11.41
C LYS B 197 -13.01 -12.14 11.04
N ILE B 198 -12.92 -11.23 10.08
CA ILE B 198 -14.06 -10.44 9.63
C ILE B 198 -14.71 -11.17 8.45
N ILE B 199 -15.98 -11.53 8.62
CA ILE B 199 -16.75 -12.16 7.55
C ILE B 199 -18.06 -11.39 7.37
N PRO B 200 -18.58 -11.28 6.15
CA PRO B 200 -19.86 -10.60 5.96
C PRO B 200 -21.00 -11.35 6.61
N GLU B 201 -22.05 -10.61 6.96
CA GLU B 201 -23.22 -11.18 7.61
C GLU B 201 -24.50 -10.94 6.83
N GLU B 202 -24.75 -9.69 6.40
CA GLU B 202 -25.91 -9.35 5.62
C GLU B 202 -25.60 -8.11 4.80
N LYS B 203 -26.58 -7.66 4.02
CA LYS B 203 -26.47 -6.39 3.32
C LYS B 203 -27.88 -5.84 3.09
N VAL B 204 -28.08 -4.58 3.47
CA VAL B 204 -29.38 -3.95 3.41
C VAL B 204 -29.34 -2.75 2.48
N ARG B 205 -30.45 -2.02 2.38
CA ARG B 205 -30.57 -0.87 1.50
C ARG B 205 -30.33 0.44 2.25
N THR B 206 -31.20 0.76 3.21
CA THR B 206 -31.13 2.03 3.92
C THR B 206 -30.15 1.94 5.09
N LYS B 207 -29.57 3.09 5.43
CA LYS B 207 -28.61 3.15 6.53
C LYS B 207 -29.29 2.90 7.87
N LYS B 208 -30.55 3.33 8.02
CA LYS B 208 -31.29 3.05 9.24
C LYS B 208 -31.49 1.55 9.42
N ARG B 209 -31.85 0.85 8.35
CA ARG B 209 -31.95 -0.60 8.40
C ARG B 209 -30.60 -1.25 8.69
N ALA B 210 -29.50 -0.58 8.36
CA ALA B 210 -28.18 -1.12 8.68
C ALA B 210 -27.88 -1.00 10.16
N ILE B 211 -28.23 0.13 10.77
CA ILE B 211 -28.01 0.30 12.21
C ILE B 211 -29.04 -0.48 13.00
N GLN B 212 -30.27 -0.62 12.48
CA GLN B 212 -31.26 -1.46 13.13
C GLN B 212 -30.79 -2.91 13.18
N THR B 213 -30.17 -3.39 12.10
CA THR B 213 -29.61 -4.74 12.11
C THR B 213 -28.46 -4.85 13.09
N LEU B 214 -27.66 -3.79 13.24
CA LEU B 214 -26.61 -3.77 14.24
C LEU B 214 -27.20 -3.96 15.64
N GLU B 215 -28.25 -3.22 15.96
CA GLU B 215 -28.84 -3.28 17.29
C GLU B 215 -29.57 -4.60 17.50
N LYS B 216 -30.39 -5.00 16.54
CA LYS B 216 -31.22 -6.20 16.72
C LYS B 216 -30.36 -7.44 16.89
N LYS B 217 -29.32 -7.60 16.07
CA LYS B 217 -28.53 -8.82 16.11
C LYS B 217 -27.75 -8.95 17.41
N VAL B 218 -27.20 -7.84 17.91
CA VAL B 218 -26.47 -7.86 19.17
C VAL B 218 -27.43 -8.01 20.35
N LEU B 219 -28.57 -7.31 20.28
CA LEU B 219 -29.58 -7.47 21.33
C LEU B 219 -30.16 -8.88 21.32
N ASP B 220 -30.25 -9.51 20.14
CA ASP B 220 -30.74 -10.89 20.07
C ASP B 220 -29.75 -11.87 20.66
N ILE B 221 -28.48 -11.49 20.80
CA ILE B 221 -27.48 -12.38 21.38
C ILE B 221 -27.37 -12.16 22.88
N VAL B 222 -27.31 -10.90 23.32
CA VAL B 222 -27.04 -10.59 24.73
C VAL B 222 -28.27 -10.76 25.62
N LYS B 223 -29.45 -10.99 25.05
CA LYS B 223 -30.63 -11.20 25.87
C LYS B 223 -30.59 -12.51 26.64
N ASP B 224 -29.62 -13.39 26.35
CA ASP B 224 -29.45 -14.65 27.05
C ASP B 224 -28.24 -14.65 27.98
N PHE B 225 -27.57 -13.50 28.12
CA PHE B 225 -26.41 -13.39 28.99
C PHE B 225 -26.83 -12.88 30.36
N GLU B 226 -26.13 -13.37 31.39
CA GLU B 226 -26.41 -12.93 32.76
C GLU B 226 -25.83 -11.54 33.03
N GLU B 227 -24.71 -11.22 32.41
CA GLU B 227 -24.14 -9.87 32.44
C GLU B 227 -23.90 -9.41 31.01
N VAL B 228 -24.19 -8.14 30.74
CA VAL B 228 -24.08 -7.58 29.39
C VAL B 228 -23.38 -6.23 29.47
N THR B 229 -22.38 -6.04 28.61
CA THR B 229 -21.72 -4.75 28.44
C THR B 229 -21.61 -4.48 26.95
N LEU B 230 -22.37 -3.49 26.47
CA LEU B 230 -22.38 -3.12 25.06
C LEU B 230 -21.43 -1.95 24.83
N PHE B 231 -20.77 -1.97 23.67
CA PHE B 231 -19.78 -0.95 23.32
C PHE B 231 -20.04 -0.46 21.91
N VAL B 232 -20.29 0.83 21.76
CA VAL B 232 -20.40 1.46 20.44
C VAL B 232 -19.00 1.91 20.03
N ILE B 233 -18.53 1.40 18.90
CA ILE B 233 -17.20 1.73 18.39
C ILE B 233 -17.41 2.51 17.09
N ASN B 234 -17.30 3.83 17.16
CA ASN B 234 -17.60 4.71 16.05
C ASN B 234 -16.32 5.22 15.40
N GLY B 235 -16.46 5.74 14.19
CA GLY B 235 -15.35 6.29 13.46
C GLY B 235 -15.49 7.77 13.15
N ASP B 236 -15.53 8.12 11.87
CA ASP B 236 -15.61 9.52 11.45
C ASP B 236 -17.02 10.08 11.52
N HIS B 237 -18.04 9.23 11.55
CA HIS B 237 -19.44 9.67 11.60
C HIS B 237 -19.83 9.81 13.07
N PHE B 238 -19.58 11.01 13.61
CA PHE B 238 -19.86 11.24 15.03
C PHE B 238 -21.36 11.19 15.32
N GLU B 239 -22.18 11.74 14.42
CA GLU B 239 -23.61 11.79 14.67
C GLU B 239 -24.24 10.40 14.64
N ASP B 240 -23.74 9.52 13.78
CA ASP B 240 -24.33 8.18 13.66
C ASP B 240 -24.00 7.32 14.87
N GLY B 241 -22.75 7.39 15.36
CA GLY B 241 -22.38 6.60 16.51
C GLY B 241 -23.05 7.08 17.78
N GLN B 242 -23.18 8.41 17.94
CA GLN B 242 -23.85 8.95 19.11
C GLN B 242 -25.35 8.62 19.09
N ALA B 243 -25.95 8.60 17.89
CA ALA B 243 -27.37 8.29 17.79
C ALA B 243 -27.65 6.86 18.22
N LEU B 244 -26.88 5.90 17.70
CA LEU B 244 -27.05 4.51 18.11
C LEU B 244 -26.72 4.33 19.59
N TYR B 245 -25.71 5.05 20.08
CA TYR B 245 -25.38 4.99 21.51
C TYR B 245 -26.55 5.45 22.36
N LYS B 246 -27.23 6.52 21.96
CA LYS B 246 -28.40 6.98 22.68
C LYS B 246 -29.63 6.13 22.39
N LYS B 247 -29.75 5.61 21.16
CA LYS B 247 -30.84 4.71 20.85
C LYS B 247 -30.74 3.41 21.64
N LEU B 248 -29.51 3.00 21.98
CA LEU B 248 -29.33 1.82 22.82
C LEU B 248 -29.65 2.13 24.27
N GLN B 249 -29.21 3.30 24.76
CA GLN B 249 -29.43 3.65 26.15
C GLN B 249 -30.92 3.67 26.51
N ASP B 250 -31.78 4.00 25.55
CA ASP B 250 -33.22 4.02 25.79
C ASP B 250 -33.85 2.65 25.60
N ASP B 251 -33.50 1.95 24.51
CA ASP B 251 -34.09 0.64 24.25
C ASP B 251 -33.57 -0.41 25.22
N CYS B 252 -32.34 -0.24 25.72
CA CYS B 252 -31.81 -1.23 26.65
C CYS B 252 -32.21 -0.88 28.08
N PRO B 253 -32.35 -1.89 28.95
CA PRO B 253 -32.50 -1.61 30.38
C PRO B 253 -31.17 -1.17 30.98
N SER B 254 -31.26 -0.45 32.10
CA SER B 254 -30.06 0.02 32.77
C SER B 254 -29.25 -1.10 33.41
N ALA B 255 -29.78 -2.34 33.42
CA ALA B 255 -28.96 -3.48 33.81
C ALA B 255 -27.84 -3.73 32.80
N TYR B 256 -28.08 -3.38 31.53
CA TYR B 256 -27.05 -3.44 30.52
C TYR B 256 -26.09 -2.25 30.68
N GLN B 257 -24.81 -2.51 30.48
CA GLN B 257 -23.80 -1.45 30.51
C GLN B 257 -23.55 -0.98 29.09
N VAL B 258 -23.91 0.26 28.80
CA VAL B 258 -23.79 0.84 27.46
C VAL B 258 -22.74 1.93 27.51
N ALA B 259 -21.65 1.74 26.76
CA ALA B 259 -20.55 2.69 26.72
C ALA B 259 -20.25 3.07 25.27
N TYR B 260 -19.53 4.17 25.12
CA TYR B 260 -19.20 4.73 23.81
C TYR B 260 -17.69 4.82 23.67
N SER B 261 -17.20 4.55 22.46
CA SER B 261 -15.76 4.63 22.18
C SER B 261 -15.58 4.84 20.68
N GLU B 262 -14.36 5.23 20.31
CA GLU B 262 -13.99 5.45 18.92
C GLU B 262 -12.63 4.82 18.65
N PHE B 263 -12.47 4.28 17.45
CA PHE B 263 -11.23 3.61 17.08
C PHE B 263 -10.26 4.60 16.44
N GLY B 264 -8.98 4.25 16.49
CA GLY B 264 -7.92 5.13 16.04
C GLY B 264 -7.58 4.97 14.57
N PRO B 265 -6.33 5.29 14.21
CA PRO B 265 -5.95 5.33 12.80
C PRO B 265 -5.75 3.96 12.16
N VAL B 266 -5.15 3.02 12.91
CA VAL B 266 -4.84 1.71 12.35
C VAL B 266 -6.11 1.01 11.87
N VAL B 267 -7.14 1.00 12.72
CA VAL B 267 -8.40 0.39 12.33
C VAL B 267 -9.07 1.18 11.21
N ALA B 268 -8.97 2.51 11.26
CA ALA B 268 -9.62 3.35 10.26
C ALA B 268 -8.97 3.19 8.88
N ALA B 269 -7.67 2.89 8.85
CA ALA B 269 -6.99 2.73 7.57
C ALA B 269 -7.55 1.57 6.76
N HIS B 270 -8.06 0.54 7.43
CA HIS B 270 -8.66 -0.61 6.77
C HIS B 270 -10.17 -0.50 6.63
N LEU B 271 -10.80 0.46 7.31
CA LEU B 271 -12.23 0.67 7.21
C LEU B 271 -12.62 1.78 6.25
N GLY B 272 -11.82 2.84 6.17
CA GLY B 272 -12.11 3.92 5.25
C GLY B 272 -12.99 5.00 5.86
N SER B 273 -14.29 4.96 5.56
CA SER B 273 -15.22 5.96 6.06
C SER B 273 -16.50 5.28 6.52
N GLY B 274 -17.21 5.96 7.42
CA GLY B 274 -18.47 5.45 7.92
C GLY B 274 -18.34 4.22 8.79
N GLY B 275 -17.22 4.06 9.49
CA GLY B 275 -17.04 2.92 10.37
C GLY B 275 -17.81 3.03 11.66
N LEU B 276 -18.69 2.06 11.91
CA LEU B 276 -19.48 2.04 13.13
C LEU B 276 -19.71 0.59 13.55
N GLY B 277 -19.18 0.22 14.70
CA GLY B 277 -19.30 -1.14 15.21
C GLY B 277 -20.01 -1.19 16.54
N LEU B 278 -20.81 -2.23 16.74
CA LEU B 278 -21.53 -2.46 17.99
C LEU B 278 -21.02 -3.76 18.59
N GLY B 279 -20.33 -3.66 19.72
CA GLY B 279 -19.74 -4.82 20.35
C GLY B 279 -20.40 -5.23 21.65
N TYR B 280 -20.15 -6.46 22.08
CA TYR B 280 -20.77 -6.98 23.29
C TYR B 280 -19.80 -7.92 23.99
N VAL B 281 -19.99 -8.04 25.30
CA VAL B 281 -19.25 -9.01 26.11
C VAL B 281 -20.17 -9.52 27.20
N GLY B 282 -20.14 -10.83 27.44
CA GLY B 282 -21.03 -11.44 28.40
C GLY B 282 -20.67 -11.20 29.86
N ARG B 283 -19.95 -10.11 30.13
CA ARG B 283 -19.59 -9.73 31.48
C ARG B 283 -19.83 -8.23 31.65
N LYS B 284 -20.05 -7.81 32.89
CA LYS B 284 -20.11 -6.39 33.20
C LYS B 284 -18.70 -5.93 33.52
N ILE B 285 -18.04 -5.34 32.52
CA ILE B 285 -16.65 -4.94 32.67
C ILE B 285 -16.57 -3.69 33.54
N ARG B 286 -15.56 -3.66 34.41
CA ARG B 286 -15.28 -2.47 35.23
C ARG B 286 -14.61 -1.44 34.35
N LEU B 287 -15.40 -0.54 33.79
CA LEU B 287 -14.91 0.49 32.88
C LEU B 287 -14.38 1.72 33.61
N THR B 288 -14.44 1.74 34.93
CA THR B 288 -13.95 2.89 35.69
C THR B 288 -12.61 2.56 36.37
#